data_7ONX
#
_entry.id   7ONX
#
_cell.length_a   110.569
_cell.length_b   82.205
_cell.length_c   91.398
_cell.angle_alpha   90.000
_cell.angle_beta   116.256
_cell.angle_gamma   90.000
#
_symmetry.space_group_name_H-M   'C 1 2 1'
#
loop_
_entity.id
_entity.type
_entity.pdbx_description
1 polymer 'Peptidoglycan D,D-transpeptidase FtsI'
2 non-polymer GLYCEROL
3 non-polymer 2-AMINO-2-HYDROXYMETHYL-PROPANE-1,3-DIOL
4 water water
#
_entity_poly.entity_id   1
_entity_poly.type   'polypeptide(L)'
_entity_poly.pdbx_seq_one_letter_code
;MDHDFLKGQGDARSVRHIAIPAHRGLITDRNGEPLAVSTPVTTLWANPKELMTAKERWPQLAAALGQDTKLFADRIEQNA
EREFIYLVRGLTPEQGEGVIALKVPGVYSIEEFRRFYPAGEVVAHAVGFTDVDDRGREGIELAFDEWLAGVPGKRQVLKD
RRGRVIKDVQVTKNAKPGKTLALSIDLRLQYLAHRELRNALLENGAKAGSLVIMDVKTGEILAMTNQPTYNPNNRRNLQP
AAMRNRAMIDVFEPGSTVKPFSMSAALASGRWKPSDIVDVYPGTLQIGRYTIRDVSRNSRQLDLTGILIKSSNVGISKIA
FDIGAESIYSVMQQVGLGQDTGLGFPGERVGNLPNHRKWPKAETATLAYGYGLSVTAIQLAHAYAALANDGKSVPLSMTR
VDRVPDGVQVISPEVASTVQGMLQQVVEAQGGVFRAQVPGYHAAGKSGTARKVSVGTKGYRENAYRSLFAGFAPATDPRI
AMVVVIDEPSKAGYFGGLVSAPVFSKVMAGALRLMNVPPDNLPTAKLVPRG
;
_entity_poly.pdbx_strand_id   A
#
loop_
_chem_comp.id
_chem_comp.type
_chem_comp.name
_chem_comp.formula
GOL non-polymer GLYCEROL 'C3 H8 O3'
TRS non-polymer 2-AMINO-2-HYDROXYMETHYL-PROPANE-1,3-DIOL 'C4 H12 N O3 1'
#
# COMPACT_ATOMS: atom_id res chain seq x y z
N ILE A 18 -6.24 25.73 -33.41
CA ILE A 18 -5.77 25.34 -32.09
C ILE A 18 -6.78 24.42 -31.42
N ALA A 19 -6.48 23.12 -31.41
CA ALA A 19 -7.32 22.14 -30.74
C ALA A 19 -6.97 22.17 -29.25
N ILE A 20 -7.84 22.76 -28.45
CA ILE A 20 -7.55 23.09 -27.05
C ILE A 20 -7.23 21.81 -26.27
N PRO A 21 -6.30 21.85 -25.32
CA PRO A 21 -6.04 20.65 -24.51
C PRO A 21 -7.17 20.42 -23.51
N ALA A 22 -7.08 19.29 -22.83
CA ALA A 22 -8.05 18.89 -21.83
C ALA A 22 -7.55 19.21 -20.43
N HIS A 23 -8.48 19.51 -19.54
CA HIS A 23 -8.16 19.80 -18.14
C HIS A 23 -8.16 18.49 -17.35
N ARG A 24 -7.04 18.22 -16.67
CA ARG A 24 -6.90 16.94 -15.97
C ARG A 24 -7.81 16.89 -14.75
N GLY A 25 -8.49 15.75 -14.58
CA GLY A 25 -9.47 15.64 -13.53
C GLY A 25 -8.86 15.62 -12.14
N LEU A 26 -9.67 16.06 -11.17
CA LEU A 26 -9.21 16.14 -9.78
C LEU A 26 -9.30 14.78 -9.10
N ILE A 27 -8.27 14.44 -8.34
CA ILE A 27 -8.24 13.23 -7.52
C ILE A 27 -8.35 13.64 -6.06
N THR A 28 -9.33 13.07 -5.37
CA THR A 28 -9.56 13.33 -3.95
C THR A 28 -9.48 12.04 -3.16
N ASP A 29 -9.43 12.19 -1.84
CA ASP A 29 -9.60 11.03 -0.96
C ASP A 29 -11.09 10.71 -0.89
N ARG A 30 -11.46 9.77 -0.02
CA ARG A 30 -12.85 9.34 0.06
C ARG A 30 -13.79 10.43 0.56
N ASN A 31 -13.25 11.46 1.22
CA ASN A 31 -14.08 12.52 1.79
C ASN A 31 -13.96 13.84 1.04
N GLY A 32 -13.28 13.85 -0.10
CA GLY A 32 -13.13 15.06 -0.90
C GLY A 32 -11.83 15.81 -0.70
N GLU A 33 -10.97 15.37 0.20
CA GLU A 33 -9.70 16.06 0.41
C GLU A 33 -8.87 15.96 -0.87
N PRO A 34 -8.44 17.07 -1.45
CA PRO A 34 -7.72 17.01 -2.74
C PRO A 34 -6.40 16.26 -2.61
N LEU A 35 -6.16 15.34 -3.54
CA LEU A 35 -4.91 14.59 -3.58
C LEU A 35 -4.10 14.85 -4.84
N ALA A 36 -4.72 15.36 -5.91
CA ALA A 36 -4.00 15.64 -7.14
C ALA A 36 -4.86 16.63 -7.94
N VAL A 37 -4.47 17.89 -7.93
CA VAL A 37 -5.25 18.97 -8.54
C VAL A 37 -4.38 19.68 -9.56
N SER A 38 -4.95 19.96 -10.72
CA SER A 38 -4.28 20.71 -11.78
C SER A 38 -4.44 22.19 -11.49
N THR A 39 -3.37 22.81 -10.95
CA THR A 39 -3.47 24.23 -10.62
C THR A 39 -2.97 25.08 -11.79
N PRO A 40 -3.59 26.24 -12.02
CA PRO A 40 -3.15 27.09 -13.14
C PRO A 40 -1.78 27.71 -12.88
N VAL A 41 -0.91 27.61 -13.88
CA VAL A 41 0.40 28.25 -13.84
C VAL A 41 0.50 29.19 -15.05
N THR A 42 1.53 30.03 -15.02
CA THR A 42 1.75 31.03 -16.06
C THR A 42 3.11 30.79 -16.70
N THR A 43 3.13 30.80 -18.04
CA THR A 43 4.36 30.63 -18.80
C THR A 43 4.59 31.88 -19.64
N LEU A 44 5.76 32.48 -19.49
CA LEU A 44 6.15 33.64 -20.26
C LEU A 44 7.05 33.21 -21.40
N TRP A 45 6.74 33.68 -22.61
CA TRP A 45 7.59 33.44 -23.77
C TRP A 45 7.82 34.76 -24.48
N ALA A 46 8.69 34.73 -25.49
CA ALA A 46 9.12 35.97 -26.12
C ALA A 46 9.31 35.76 -27.61
N ASN A 47 9.08 36.84 -28.36
CA ASN A 47 9.42 36.90 -29.76
C ASN A 47 10.76 37.61 -29.89
N PRO A 48 11.86 36.89 -30.17
CA PRO A 48 13.18 37.54 -30.14
C PRO A 48 13.31 38.74 -31.08
N LYS A 49 12.83 38.63 -32.32
CA LYS A 49 12.89 39.77 -33.24
C LYS A 49 12.20 40.99 -32.66
N GLU A 50 11.16 40.79 -31.84
CA GLU A 50 10.47 41.90 -31.19
C GLU A 50 11.21 42.37 -29.94
N LEU A 51 11.80 41.44 -29.17
CA LEU A 51 12.56 41.82 -28.00
C LEU A 51 13.83 42.57 -28.37
N MET A 52 14.39 42.31 -29.56
CA MET A 52 15.63 42.98 -29.95
C MET A 52 15.45 44.48 -30.11
N THR A 53 14.21 44.97 -30.27
CA THR A 53 13.95 46.40 -30.40
C THR A 53 13.82 47.11 -29.07
N ALA A 54 14.03 46.42 -27.95
CA ALA A 54 13.86 47.02 -26.63
C ALA A 54 14.97 46.56 -25.68
N LYS A 55 16.22 46.62 -26.15
CA LYS A 55 17.33 46.09 -25.36
C LYS A 55 17.48 46.82 -24.03
N GLU A 56 17.09 48.09 -23.97
CA GLU A 56 17.23 48.83 -22.72
C GLU A 56 16.26 48.35 -21.65
N ARG A 57 15.24 47.57 -22.02
CA ARG A 57 14.37 46.97 -21.03
C ARG A 57 14.94 45.68 -20.44
N TRP A 58 15.96 45.10 -21.07
CA TRP A 58 16.41 43.77 -20.66
C TRP A 58 16.89 43.71 -19.22
N PRO A 59 17.74 44.62 -18.72
CA PRO A 59 18.16 44.51 -17.31
C PRO A 59 17.00 44.53 -16.33
N GLN A 60 15.97 45.34 -16.58
CA GLN A 60 14.80 45.29 -15.70
C GLN A 60 14.05 43.98 -15.87
N LEU A 61 13.86 43.53 -17.12
CA LEU A 61 13.17 42.27 -17.35
C LEU A 61 13.96 41.09 -16.81
N ALA A 62 15.29 41.13 -16.94
CA ALA A 62 16.12 40.06 -16.41
C ALA A 62 16.00 39.95 -14.90
N ALA A 63 15.88 41.10 -14.21
CA ALA A 63 15.76 41.06 -12.76
C ALA A 63 14.40 40.51 -12.34
N ALA A 64 13.34 40.87 -13.06
CA ALA A 64 12.00 40.38 -12.72
C ALA A 64 11.89 38.87 -12.90
N LEU A 65 12.72 38.29 -13.77
CA LEU A 65 12.74 36.84 -13.97
C LEU A 65 13.77 36.15 -13.08
N GLY A 66 14.55 36.90 -12.31
CA GLY A 66 15.56 36.30 -11.46
C GLY A 66 16.74 35.73 -12.21
N GLN A 67 17.13 36.36 -13.32
CA GLN A 67 18.19 35.84 -14.18
C GLN A 67 19.31 36.87 -14.32
N ASP A 68 20.50 36.35 -14.61
CA ASP A 68 21.67 37.22 -14.78
C ASP A 68 21.52 38.08 -16.02
N THR A 69 21.93 39.35 -15.90
CA THR A 69 21.78 40.30 -17.00
C THR A 69 22.48 39.80 -18.26
N LYS A 70 23.73 39.37 -18.13
CA LYS A 70 24.48 38.90 -19.30
C LYS A 70 23.86 37.62 -19.85
N LEU A 71 23.58 36.64 -18.99
CA LEU A 71 23.06 35.37 -19.46
C LEU A 71 21.69 35.53 -20.11
N PHE A 72 20.86 36.42 -19.56
CA PHE A 72 19.57 36.69 -20.19
C PHE A 72 19.77 37.34 -21.56
N ALA A 73 20.62 38.36 -21.63
CA ALA A 73 20.90 38.99 -22.91
C ALA A 73 21.51 38.00 -23.89
N ASP A 74 22.28 37.04 -23.38
CA ASP A 74 22.85 36.00 -24.25
C ASP A 74 21.76 35.19 -24.93
N ARG A 75 20.74 34.76 -24.17
N ARG A 75 20.75 34.76 -24.16
CA ARG A 75 19.69 33.92 -24.74
CA ARG A 75 19.69 33.92 -24.73
C ARG A 75 18.96 34.61 -25.87
C ARG A 75 18.98 34.62 -25.88
N ILE A 76 18.66 35.90 -25.71
CA ILE A 76 17.90 36.62 -26.73
C ILE A 76 18.73 36.78 -27.99
N GLU A 77 19.94 37.34 -27.88
N GLU A 77 19.93 37.36 -27.87
CA GLU A 77 20.76 37.59 -29.05
CA GLU A 77 20.77 37.58 -29.04
C GLU A 77 21.22 36.29 -29.70
C GLU A 77 21.11 36.26 -29.73
N GLN A 78 21.32 35.21 -28.93
CA GLN A 78 21.71 33.93 -29.50
C GLN A 78 20.58 33.33 -30.34
N ASN A 79 19.33 33.51 -29.89
CA ASN A 79 18.16 33.04 -30.63
C ASN A 79 17.42 34.20 -31.29
N ALA A 80 18.15 35.17 -31.85
CA ALA A 80 17.52 36.35 -32.42
C ALA A 80 16.73 36.04 -33.68
N GLU A 81 17.21 35.10 -34.50
CA GLU A 81 16.52 34.77 -35.74
C GLU A 81 15.25 33.95 -35.51
N ARG A 82 15.15 33.25 -34.39
CA ARG A 82 13.92 32.54 -34.07
C ARG A 82 12.83 33.52 -33.67
N GLU A 83 11.59 33.06 -33.72
CA GLU A 83 10.44 33.88 -33.37
C GLU A 83 9.65 33.32 -32.19
N PHE A 84 10.20 32.33 -31.48
CA PHE A 84 9.53 31.77 -30.31
C PHE A 84 10.59 31.14 -29.42
N ILE A 85 10.72 31.66 -28.20
CA ILE A 85 11.48 31.00 -27.15
C ILE A 85 10.74 31.21 -25.84
N TYR A 86 10.91 30.26 -24.93
CA TYR A 86 10.33 30.38 -23.59
C TYR A 86 11.23 31.20 -22.69
N LEU A 87 10.62 32.08 -21.89
CA LEU A 87 11.39 32.83 -20.91
C LEU A 87 11.42 32.13 -19.57
N VAL A 88 10.26 31.70 -19.08
CA VAL A 88 10.15 30.95 -17.83
C VAL A 88 8.78 30.30 -17.81
N ARG A 89 8.72 29.05 -17.35
CA ARG A 89 7.49 28.30 -17.27
C ARG A 89 7.19 27.96 -15.81
N GLY A 90 5.91 27.80 -15.51
CA GLY A 90 5.50 27.38 -14.18
C GLY A 90 5.34 28.48 -13.16
N LEU A 91 5.31 29.74 -13.59
CA LEU A 91 5.09 30.83 -12.65
C LEU A 91 3.67 30.80 -12.10
N THR A 92 3.49 31.41 -10.94
CA THR A 92 2.16 31.59 -10.41
C THR A 92 1.43 32.68 -11.19
N PRO A 93 0.10 32.65 -11.22
CA PRO A 93 -0.64 33.72 -11.92
C PRO A 93 -0.28 35.11 -11.44
N GLU A 94 -0.06 35.29 -10.14
CA GLU A 94 0.26 36.63 -9.62
C GLU A 94 1.63 37.08 -10.09
N GLN A 95 2.63 36.19 -10.06
CA GLN A 95 3.97 36.56 -10.49
C GLN A 95 4.01 36.82 -12.00
N GLY A 96 3.27 36.05 -12.78
CA GLY A 96 3.26 36.25 -14.21
C GLY A 96 2.70 37.60 -14.61
N GLU A 97 1.67 38.07 -13.89
CA GLU A 97 1.11 39.38 -14.19
C GLU A 97 2.07 40.50 -13.83
N GLY A 98 2.94 40.28 -12.84
CA GLY A 98 3.89 41.29 -12.45
C GLY A 98 4.91 41.59 -13.55
N VAL A 99 5.33 40.56 -14.27
CA VAL A 99 6.25 40.77 -15.38
C VAL A 99 5.52 41.34 -16.59
N ILE A 100 4.32 40.83 -16.88
CA ILE A 100 3.52 41.38 -17.98
C ILE A 100 3.21 42.85 -17.74
N ALA A 101 3.10 43.26 -16.47
CA ALA A 101 2.83 44.65 -16.14
C ALA A 101 3.97 45.58 -16.53
N LEU A 102 5.16 45.05 -16.83
CA LEU A 102 6.25 45.87 -17.34
C LEU A 102 6.05 46.25 -18.80
N LYS A 103 5.17 45.56 -19.52
CA LYS A 103 4.85 45.87 -20.92
C LYS A 103 6.12 46.00 -21.76
N VAL A 104 7.05 45.07 -21.57
CA VAL A 104 8.24 45.02 -22.42
C VAL A 104 7.84 44.47 -23.79
N PRO A 105 8.19 45.14 -24.89
CA PRO A 105 7.80 44.64 -26.21
C PRO A 105 8.36 43.24 -26.46
N GLY A 106 7.50 42.36 -26.95
CA GLY A 106 7.90 41.01 -27.30
C GLY A 106 7.72 39.97 -26.20
N VAL A 107 7.16 40.34 -25.06
CA VAL A 107 6.94 39.42 -23.95
C VAL A 107 5.47 39.05 -23.93
N TYR A 108 5.18 37.76 -24.12
CA TYR A 108 3.81 37.27 -24.13
C TYR A 108 3.64 36.22 -23.04
N SER A 109 2.38 35.87 -22.78
CA SER A 109 2.03 35.02 -21.66
C SER A 109 0.94 34.03 -22.08
N ILE A 110 1.08 32.79 -21.64
CA ILE A 110 0.06 31.76 -21.83
C ILE A 110 -0.09 31.00 -20.53
N GLU A 111 -1.32 30.89 -20.04
CA GLU A 111 -1.58 30.22 -18.78
C GLU A 111 -1.70 28.72 -19.00
N GLU A 112 -0.94 27.95 -18.23
CA GLU A 112 -0.87 26.51 -18.37
C GLU A 112 -1.50 25.83 -17.15
N PHE A 113 -1.22 24.52 -17.01
CA PHE A 113 -1.67 23.74 -15.88
C PHE A 113 -0.53 22.87 -15.38
N ARG A 114 -0.23 22.96 -14.10
CA ARG A 114 0.79 22.15 -13.45
C ARG A 114 0.13 21.21 -12.46
N ARG A 115 0.42 19.92 -12.55
CA ARG A 115 -0.13 18.94 -11.63
C ARG A 115 0.50 19.12 -10.26
N PHE A 116 -0.33 19.30 -9.24
CA PHE A 116 0.13 19.49 -7.86
C PHE A 116 -0.48 18.43 -6.97
N TYR A 117 0.31 17.99 -5.98
CA TYR A 117 -0.10 16.95 -5.04
C TYR A 117 -0.04 17.49 -3.62
N PRO A 118 -1.15 18.00 -3.08
CA PRO A 118 -1.10 18.65 -1.75
C PRO A 118 -0.58 17.76 -0.64
N ALA A 119 -0.86 16.46 -0.68
CA ALA A 119 -0.40 15.55 0.36
C ALA A 119 1.07 15.18 0.21
N GLY A 120 1.63 15.37 -0.98
CA GLY A 120 3.06 15.14 -1.17
C GLY A 120 3.44 13.68 -0.98
N GLU A 121 4.43 13.45 -0.11
CA GLU A 121 5.02 12.12 0.06
C GLU A 121 4.09 11.14 0.75
N VAL A 122 2.96 11.60 1.31
CA VAL A 122 2.11 10.73 2.11
C VAL A 122 1.34 9.75 1.23
N VAL A 123 0.95 10.16 0.03
CA VAL A 123 0.17 9.29 -0.85
C VAL A 123 0.89 9.14 -2.18
N ALA A 124 2.22 9.29 -2.16
CA ALA A 124 2.98 9.28 -3.40
C ALA A 124 2.75 7.99 -4.18
N HIS A 125 2.91 6.84 -3.51
CA HIS A 125 2.86 5.56 -4.22
C HIS A 125 1.45 5.22 -4.70
N ALA A 126 0.42 5.65 -3.98
CA ALA A 126 -0.94 5.37 -4.40
C ALA A 126 -1.37 6.31 -5.54
N VAL A 127 -1.11 7.61 -5.39
CA VAL A 127 -1.59 8.56 -6.39
C VAL A 127 -0.76 8.46 -7.66
N GLY A 128 0.57 8.36 -7.53
CA GLY A 128 1.42 8.38 -8.70
C GLY A 128 1.68 9.79 -9.20
N PHE A 129 1.99 9.92 -10.49
CA PHE A 129 2.32 11.22 -11.06
C PHE A 129 2.14 11.18 -12.57
N THR A 130 2.22 12.36 -13.17
CA THR A 130 2.21 12.53 -14.62
C THR A 130 3.58 12.98 -15.10
N ASP A 131 3.80 12.83 -16.41
CA ASP A 131 5.10 13.10 -17.02
C ASP A 131 5.14 14.54 -17.53
N VAL A 132 6.01 14.83 -18.49
CA VAL A 132 6.14 16.17 -19.04
C VAL A 132 4.92 16.51 -19.90
N ASP A 133 4.45 15.55 -20.69
CA ASP A 133 3.29 15.78 -21.56
C ASP A 133 1.99 15.51 -20.81
N ASP A 134 2.02 15.66 -19.48
CA ASP A 134 0.86 15.50 -18.60
C ASP A 134 0.08 14.23 -18.90
N ARG A 135 0.80 13.11 -18.92
CA ARG A 135 0.20 11.79 -19.14
C ARG A 135 0.51 10.90 -17.95
N GLY A 136 -0.48 10.14 -17.50
CA GLY A 136 -0.32 9.29 -16.34
C GLY A 136 0.80 8.28 -16.50
N ARG A 137 1.77 8.30 -15.57
CA ARG A 137 2.93 7.42 -15.66
C ARG A 137 2.97 6.35 -14.57
N GLU A 138 2.44 6.63 -13.38
CA GLU A 138 2.44 5.65 -12.31
C GLU A 138 1.27 5.89 -11.37
N GLY A 139 1.00 4.91 -10.52
CA GLY A 139 -0.04 5.01 -9.51
C GLY A 139 -1.44 5.11 -10.11
N ILE A 140 -2.30 5.82 -9.40
CA ILE A 140 -3.67 6.04 -9.88
C ILE A 140 -3.66 6.87 -11.16
N GLU A 141 -2.70 7.81 -11.27
CA GLU A 141 -2.62 8.64 -12.47
C GLU A 141 -2.50 7.81 -13.74
N LEU A 142 -1.87 6.64 -13.66
CA LEU A 142 -1.75 5.75 -14.81
C LEU A 142 -2.95 4.82 -14.92
N ALA A 143 -3.42 4.25 -13.81
CA ALA A 143 -4.50 3.27 -13.87
C ALA A 143 -5.81 3.90 -14.34
N PHE A 144 -6.00 5.20 -14.10
CA PHE A 144 -7.19 5.92 -14.50
C PHE A 144 -6.85 7.09 -15.42
N ASP A 145 -5.82 6.92 -16.24
CA ASP A 145 -5.38 8.00 -17.11
C ASP A 145 -6.47 8.38 -18.11
N GLU A 146 -7.15 7.39 -18.69
CA GLU A 146 -8.25 7.69 -19.60
C GLU A 146 -9.38 8.42 -18.89
N TRP A 147 -9.62 8.09 -17.63
CA TRP A 147 -10.71 8.72 -16.87
C TRP A 147 -10.37 10.15 -16.50
N LEU A 148 -9.10 10.42 -16.19
CA LEU A 148 -8.67 11.72 -15.70
C LEU A 148 -8.22 12.66 -16.82
N ALA A 149 -8.04 12.16 -18.04
CA ALA A 149 -7.63 12.99 -19.17
C ALA A 149 -8.74 12.97 -20.21
N GLY A 150 -9.22 14.16 -20.57
CA GLY A 150 -10.30 14.26 -21.54
C GLY A 150 -9.85 14.09 -22.97
N VAL A 151 -10.46 14.84 -23.88
CA VAL A 151 -10.12 14.77 -25.29
C VAL A 151 -10.09 16.18 -25.86
N PRO A 152 -9.04 16.56 -26.61
CA PRO A 152 -8.95 17.87 -27.26
C PRO A 152 -10.06 18.12 -28.27
N THR A 172 -13.06 26.07 -34.79
CA THR A 172 -12.66 25.73 -33.43
C THR A 172 -12.66 24.21 -33.23
N LYS A 173 -12.15 23.77 -32.09
CA LYS A 173 -12.12 22.36 -31.73
C LYS A 173 -12.47 22.22 -30.26
N ASN A 174 -13.58 21.54 -29.97
CA ASN A 174 -14.09 21.44 -28.62
C ASN A 174 -13.26 20.48 -27.78
N ALA A 175 -12.92 20.88 -26.57
CA ALA A 175 -12.14 20.08 -25.64
C ALA A 175 -12.94 19.82 -24.38
N LYS A 176 -13.07 18.55 -24.00
CA LYS A 176 -13.81 18.17 -22.81
C LYS A 176 -12.86 17.93 -21.65
N PRO A 177 -13.24 18.33 -20.44
CA PRO A 177 -12.36 18.16 -19.28
C PRO A 177 -12.41 16.73 -18.75
N GLY A 178 -11.43 16.42 -17.90
CA GLY A 178 -11.34 15.09 -17.33
C GLY A 178 -12.25 14.92 -16.12
N LYS A 179 -12.68 13.68 -15.90
CA LYS A 179 -13.62 13.36 -14.84
C LYS A 179 -12.92 13.32 -13.47
N THR A 180 -13.69 13.59 -12.43
CA THR A 180 -13.17 13.57 -11.07
C THR A 180 -13.12 12.14 -10.55
N LEU A 181 -12.07 11.83 -9.80
CA LEU A 181 -11.87 10.51 -9.23
C LEU A 181 -11.71 10.62 -7.72
N ALA A 182 -12.55 9.90 -6.98
CA ALA A 182 -12.49 9.84 -5.53
C ALA A 182 -11.94 8.48 -5.12
N LEU A 183 -10.81 8.49 -4.42
CA LEU A 183 -10.19 7.22 -4.06
C LEU A 183 -10.83 6.63 -2.81
N SER A 184 -10.50 5.37 -2.55
CA SER A 184 -10.92 4.71 -1.32
C SER A 184 -10.11 5.17 -0.12
N ILE A 185 -9.02 5.91 -0.37
CA ILE A 185 -8.09 6.32 0.69
C ILE A 185 -8.78 7.31 1.62
N ASP A 186 -8.61 7.09 2.93
CA ASP A 186 -8.96 8.09 3.93
C ASP A 186 -7.67 8.83 4.29
N LEU A 187 -7.59 10.10 3.90
CA LEU A 187 -6.38 10.87 4.12
C LEU A 187 -6.03 10.97 5.61
N ARG A 188 -7.04 10.94 6.48
CA ARG A 188 -6.77 10.96 7.91
C ARG A 188 -6.03 9.69 8.35
N LEU A 189 -6.55 8.53 7.94
CA LEU A 189 -5.87 7.27 8.22
C LEU A 189 -4.52 7.20 7.51
N GLN A 190 -4.41 7.80 6.32
CA GLN A 190 -3.15 7.75 5.58
C GLN A 190 -2.05 8.51 6.32
N TYR A 191 -2.35 9.73 6.77
CA TYR A 191 -1.37 10.48 7.56
C TYR A 191 -0.97 9.70 8.80
N LEU A 192 -1.94 9.07 9.46
CA LEU A 192 -1.64 8.30 10.67
C LEU A 192 -0.71 7.13 10.35
N ALA A 193 -1.07 6.33 9.33
CA ALA A 193 -0.25 5.18 9.00
C ALA A 193 1.14 5.60 8.51
N HIS A 194 1.22 6.72 7.79
CA HIS A 194 2.49 7.17 7.25
C HIS A 194 3.47 7.53 8.37
N ARG A 195 3.04 8.36 9.31
CA ARG A 195 3.95 8.82 10.35
C ARG A 195 4.23 7.71 11.37
N GLU A 196 3.31 6.78 11.57
CA GLU A 196 3.59 5.69 12.51
C GLU A 196 4.51 4.65 11.91
N LEU A 197 4.38 4.39 10.60
CA LEU A 197 5.34 3.53 9.93
C LEU A 197 6.71 4.19 9.85
N ARG A 198 6.75 5.50 9.64
N ARG A 198 6.74 5.49 9.63
CA ARG A 198 8.02 6.20 9.60
CA ARG A 198 8.01 6.21 9.61
C ARG A 198 8.68 6.23 10.98
C ARG A 198 8.67 6.21 10.97
N ASN A 199 7.90 6.48 12.04
CA ASN A 199 8.45 6.53 13.38
C ASN A 199 8.95 5.16 13.84
N ALA A 200 8.31 4.09 13.39
CA ALA A 200 8.73 2.76 13.79
C ALA A 200 10.04 2.36 13.11
N LEU A 201 10.20 2.74 11.84
CA LEU A 201 11.43 2.41 11.13
C LEU A 201 12.62 3.17 11.72
N LEU A 202 12.42 4.45 12.07
CA LEU A 202 13.51 5.22 12.66
C LEU A 202 13.88 4.70 14.04
N GLU A 203 12.89 4.21 14.80
CA GLU A 203 13.17 3.69 16.13
C GLU A 203 13.96 2.38 16.05
N ASN A 204 13.71 1.56 15.04
CA ASN A 204 14.42 0.29 14.89
C ASN A 204 15.56 0.34 13.91
N GLY A 205 15.65 1.38 13.07
CA GLY A 205 16.68 1.42 12.06
C GLY A 205 16.41 0.49 10.89
N ALA A 206 15.15 0.32 10.53
CA ALA A 206 14.77 -0.56 9.43
C ALA A 206 14.95 0.15 8.09
N LYS A 207 15.16 -0.65 7.05
CA LYS A 207 15.41 -0.10 5.72
C LYS A 207 14.13 0.35 5.04
N ALA A 208 13.06 -0.46 5.15
CA ALA A 208 11.83 -0.21 4.41
C ALA A 208 10.65 -0.74 5.20
N GLY A 209 9.46 -0.51 4.67
CA GLY A 209 8.25 -0.98 5.33
C GLY A 209 7.02 -0.68 4.48
N SER A 210 5.93 -1.37 4.84
CA SER A 210 4.64 -1.21 4.19
C SER A 210 3.54 -1.30 5.23
N LEU A 211 2.44 -0.62 4.97
CA LEU A 211 1.28 -0.69 5.85
C LEU A 211 0.02 -0.51 5.02
N VAL A 212 -0.89 -1.47 5.13
CA VAL A 212 -2.14 -1.47 4.38
C VAL A 212 -3.30 -1.52 5.37
N ILE A 213 -4.22 -0.57 5.25
CA ILE A 213 -5.44 -0.54 6.05
C ILE A 213 -6.62 -0.80 5.12
N MET A 214 -7.51 -1.69 5.53
CA MET A 214 -8.59 -2.13 4.66
C MET A 214 -9.91 -2.18 5.38
N ASP A 215 -10.97 -1.72 4.72
CA ASP A 215 -12.32 -1.85 5.22
C ASP A 215 -12.83 -3.24 4.88
N VAL A 216 -13.07 -4.07 5.90
CA VAL A 216 -13.38 -5.47 5.64
C VAL A 216 -14.73 -5.65 4.98
N LYS A 217 -15.65 -4.70 5.13
CA LYS A 217 -17.02 -4.89 4.62
C LYS A 217 -17.15 -4.44 3.17
N THR A 218 -16.37 -3.46 2.74
CA THR A 218 -16.53 -2.85 1.43
C THR A 218 -15.37 -3.15 0.48
N GLY A 219 -14.28 -3.76 0.95
CA GLY A 219 -13.14 -4.00 0.11
C GLY A 219 -12.29 -2.78 -0.17
N GLU A 220 -12.63 -1.63 0.41
CA GLU A 220 -11.89 -0.40 0.16
C GLU A 220 -10.54 -0.42 0.85
N ILE A 221 -9.53 0.08 0.12
CA ILE A 221 -8.20 0.28 0.68
C ILE A 221 -8.19 1.65 1.34
N LEU A 222 -8.28 1.66 2.68
CA LEU A 222 -8.37 2.92 3.41
C LEU A 222 -7.02 3.63 3.50
N ALA A 223 -5.94 2.89 3.60
CA ALA A 223 -4.61 3.50 3.66
C ALA A 223 -3.61 2.53 3.07
N MET A 224 -2.60 3.07 2.38
CA MET A 224 -1.51 2.25 1.84
C MET A 224 -0.27 3.13 1.79
N THR A 225 0.63 2.93 2.75
CA THR A 225 1.84 3.72 2.84
C THR A 225 3.04 2.80 2.68
N ASN A 226 4.10 3.34 2.06
CA ASN A 226 5.34 2.61 1.84
C ASN A 226 6.51 3.49 2.26
N GLN A 227 7.52 2.86 2.86
CA GLN A 227 8.77 3.54 3.13
C GLN A 227 9.92 2.78 2.47
N PRO A 228 10.89 3.48 1.88
CA PRO A 228 10.95 4.94 1.78
C PRO A 228 9.96 5.48 0.75
N THR A 229 9.66 6.78 0.85
CA THR A 229 8.74 7.44 -0.07
C THR A 229 9.39 8.71 -0.59
N TYR A 230 8.85 9.23 -1.68
CA TYR A 230 9.37 10.38 -2.38
C TYR A 230 8.31 11.48 -2.45
N ASN A 231 8.72 12.67 -2.89
CA ASN A 231 7.79 13.76 -3.08
C ASN A 231 7.49 13.89 -4.57
N PRO A 232 6.25 13.65 -5.01
CA PRO A 232 5.96 13.77 -6.45
C PRO A 232 6.07 15.20 -6.96
N ASN A 233 5.93 16.21 -6.10
CA ASN A 233 6.12 17.58 -6.55
C ASN A 233 7.60 17.86 -6.78
N ASN A 234 8.45 17.49 -5.82
CA ASN A 234 9.88 17.76 -5.87
C ASN A 234 10.58 16.58 -6.54
N ARG A 235 10.46 16.52 -7.87
CA ARG A 235 11.01 15.43 -8.65
C ARG A 235 12.23 15.85 -9.45
N ARG A 236 12.95 16.87 -8.97
CA ARG A 236 14.27 17.19 -9.53
C ARG A 236 15.21 16.01 -9.37
N ASN A 237 15.30 15.46 -8.16
CA ASN A 237 15.94 14.17 -7.95
C ASN A 237 14.93 13.05 -8.19
N LEU A 238 15.44 11.84 -8.39
CA LEU A 238 14.56 10.70 -8.66
C LEU A 238 15.25 9.43 -8.13
N GLN A 239 15.14 9.23 -6.81
CA GLN A 239 15.67 8.03 -6.19
C GLN A 239 14.81 6.82 -6.58
N PRO A 240 15.39 5.78 -7.18
CA PRO A 240 14.55 4.66 -7.65
C PRO A 240 13.99 3.82 -6.52
N ALA A 241 14.72 3.64 -5.42
CA ALA A 241 14.22 2.82 -4.33
C ALA A 241 13.05 3.47 -3.60
N ALA A 242 12.86 4.79 -3.75
CA ALA A 242 11.74 5.46 -3.11
C ALA A 242 10.47 5.33 -3.92
N MET A 243 10.56 5.19 -5.24
CA MET A 243 9.39 5.03 -6.09
C MET A 243 8.85 3.61 -6.07
N ARG A 244 9.41 2.74 -5.23
CA ARG A 244 8.99 1.35 -5.16
C ARG A 244 7.70 1.26 -4.34
N ASN A 245 6.61 0.84 -4.99
CA ASN A 245 5.33 0.62 -4.31
C ASN A 245 5.36 -0.78 -3.71
N ARG A 246 6.01 -0.90 -2.55
CA ARG A 246 6.35 -2.20 -2.00
C ARG A 246 5.11 -2.97 -1.54
N ALA A 247 4.05 -2.27 -1.16
CA ALA A 247 2.84 -2.96 -0.71
C ALA A 247 2.19 -3.77 -1.81
N MET A 248 2.51 -3.50 -3.08
CA MET A 248 1.89 -4.21 -4.19
C MET A 248 2.87 -4.93 -5.10
N ILE A 249 4.18 -4.63 -5.02
CA ILE A 249 5.14 -5.28 -5.90
C ILE A 249 6.17 -6.12 -5.16
N ASP A 250 6.35 -5.93 -3.84
CA ASP A 250 7.27 -6.77 -3.08
C ASP A 250 6.57 -8.06 -2.68
N VAL A 251 7.11 -9.19 -3.10
CA VAL A 251 6.55 -10.50 -2.74
C VAL A 251 7.42 -11.11 -1.66
N PHE A 252 6.78 -11.82 -0.73
CA PHE A 252 7.48 -12.48 0.36
C PHE A 252 6.71 -13.72 0.76
N GLU A 253 7.40 -14.64 1.40
CA GLU A 253 6.76 -15.82 1.96
C GLU A 253 6.06 -15.43 3.25
N PRO A 254 4.73 -15.57 3.33
CA PRO A 254 4.00 -14.98 4.47
C PRO A 254 4.27 -15.67 5.81
N GLY A 255 4.85 -16.85 5.82
CA GLY A 255 5.16 -17.50 7.09
C GLY A 255 3.91 -17.81 7.88
N SER A 256 3.95 -17.50 9.18
CA SER A 256 2.88 -17.88 10.08
C SER A 256 1.59 -17.08 9.88
N THR A 257 1.62 -16.00 9.11
CA THR A 257 0.42 -15.19 8.93
C THR A 257 -0.65 -15.91 8.14
N VAL A 258 -0.31 -16.99 7.43
CA VAL A 258 -1.34 -17.77 6.74
C VAL A 258 -1.73 -19.02 7.50
N LYS A 259 -1.11 -19.29 8.65
CA LYS A 259 -1.57 -20.39 9.50
C LYS A 259 -3.05 -20.29 9.87
N PRO A 260 -3.64 -19.11 10.10
CA PRO A 260 -5.09 -19.07 10.31
C PRO A 260 -5.89 -19.62 9.15
N PHE A 261 -5.36 -19.55 7.92
CA PHE A 261 -6.08 -20.08 6.78
C PHE A 261 -5.92 -21.58 6.66
N SER A 262 -4.78 -22.12 7.07
CA SER A 262 -4.64 -23.56 7.21
C SER A 262 -5.59 -24.08 8.27
N MET A 263 -5.69 -23.38 9.40
CA MET A 263 -6.63 -23.77 10.44
C MET A 263 -8.06 -23.71 9.94
N SER A 264 -8.38 -22.71 9.11
CA SER A 264 -9.71 -22.63 8.50
C SER A 264 -10.01 -23.87 7.67
N ALA A 265 -9.02 -24.33 6.89
CA ALA A 265 -9.25 -25.54 6.10
C ALA A 265 -9.41 -26.76 6.99
N ALA A 266 -8.76 -26.77 8.15
CA ALA A 266 -8.93 -27.87 9.10
C ALA A 266 -10.34 -27.87 9.67
N LEU A 267 -10.81 -26.71 10.13
CA LEU A 267 -12.14 -26.63 10.71
C LEU A 267 -13.23 -26.94 9.68
N ALA A 268 -13.01 -26.60 8.42
CA ALA A 268 -13.99 -26.88 7.38
C ALA A 268 -13.96 -28.34 6.92
N SER A 269 -12.96 -29.12 7.33
CA SER A 269 -12.86 -30.50 6.87
C SER A 269 -13.83 -31.43 7.58
N GLY A 270 -14.33 -31.02 8.75
CA GLY A 270 -15.13 -31.91 9.57
C GLY A 270 -14.34 -32.92 10.35
N ARG A 271 -13.01 -32.83 10.34
CA ARG A 271 -12.16 -33.75 11.07
C ARG A 271 -11.52 -33.14 12.31
N TRP A 272 -11.58 -31.81 12.44
CA TRP A 272 -10.97 -31.11 13.57
C TRP A 272 -11.99 -30.19 14.22
N LYS A 273 -11.90 -30.05 15.53
CA LYS A 273 -12.66 -29.12 16.33
C LYS A 273 -11.69 -28.38 17.25
N PRO A 274 -12.07 -27.21 17.77
CA PRO A 274 -11.10 -26.43 18.56
C PRO A 274 -10.55 -27.13 19.79
N SER A 275 -11.26 -28.11 20.35
CA SER A 275 -10.76 -28.77 21.55
C SER A 275 -9.78 -29.90 21.25
N ASP A 276 -9.54 -30.22 19.99
CA ASP A 276 -8.62 -31.31 19.65
C ASP A 276 -7.20 -30.95 20.09
N ILE A 277 -6.44 -31.99 20.45
CA ILE A 277 -5.08 -31.84 20.95
C ILE A 277 -4.11 -32.37 19.91
N VAL A 278 -3.00 -31.66 19.72
CA VAL A 278 -1.91 -32.10 18.87
C VAL A 278 -0.64 -32.13 19.71
N ASP A 279 0.13 -33.21 19.57
CA ASP A 279 1.38 -33.37 20.30
C ASP A 279 2.52 -32.91 19.41
N VAL A 280 3.23 -31.86 19.84
CA VAL A 280 4.31 -31.26 19.06
C VAL A 280 5.67 -31.47 19.70
N TYR A 281 5.76 -32.29 20.74
CA TYR A 281 7.05 -32.62 21.31
C TYR A 281 7.87 -33.40 20.29
N PRO A 282 9.19 -33.18 20.20
CA PRO A 282 9.98 -32.21 20.96
C PRO A 282 10.23 -30.91 20.22
N GLY A 283 9.22 -30.39 19.52
CA GLY A 283 9.42 -29.21 18.70
C GLY A 283 9.98 -29.47 17.32
N THR A 284 10.26 -30.73 16.99
CA THR A 284 10.73 -31.10 15.67
C THR A 284 9.94 -32.29 15.17
N LEU A 285 9.92 -32.45 13.85
CA LEU A 285 9.22 -33.56 13.21
C LEU A 285 10.02 -33.97 11.99
N GLN A 286 10.40 -35.24 11.93
CA GLN A 286 11.17 -35.76 10.81
C GLN A 286 10.23 -36.31 9.75
N ILE A 287 10.37 -35.83 8.52
CA ILE A 287 9.64 -36.37 7.38
C ILE A 287 10.64 -36.80 6.32
N GLY A 288 11.21 -37.98 6.47
CA GLY A 288 12.20 -38.47 5.54
C GLY A 288 13.49 -37.70 5.62
N ARG A 289 13.80 -36.94 4.56
CA ARG A 289 15.06 -36.20 4.53
C ARG A 289 14.94 -34.87 5.25
N TYR A 290 13.78 -34.23 5.18
CA TYR A 290 13.60 -32.92 5.79
C TYR A 290 13.17 -33.06 7.25
N THR A 291 13.38 -31.99 8.00
CA THR A 291 13.01 -31.95 9.42
C THR A 291 12.32 -30.62 9.70
N ILE A 292 11.02 -30.69 10.03
CA ILE A 292 10.29 -29.49 10.42
C ILE A 292 10.72 -29.08 11.81
N ARG A 293 11.02 -27.80 11.99
CA ARG A 293 11.50 -27.26 13.26
C ARG A 293 10.63 -26.10 13.68
N ASP A 294 10.17 -26.14 14.94
CA ASP A 294 9.42 -25.04 15.51
C ASP A 294 10.35 -23.94 16.01
N VAL A 295 9.85 -22.70 16.00
CA VAL A 295 10.63 -21.60 16.53
C VAL A 295 10.75 -21.71 18.05
N SER A 296 9.62 -21.98 18.72
CA SER A 296 9.61 -22.30 20.14
C SER A 296 9.42 -23.81 20.30
N ARG A 297 10.34 -24.45 21.00
CA ARG A 297 10.29 -25.91 21.11
C ARG A 297 10.13 -26.34 22.57
N ASN A 298 9.18 -25.74 23.28
CA ASN A 298 8.99 -26.01 24.70
C ASN A 298 7.58 -26.50 25.00
N SER A 299 6.93 -27.11 24.02
CA SER A 299 5.55 -27.56 24.19
C SER A 299 5.45 -29.04 23.90
N ARG A 300 4.42 -29.67 24.48
CA ARG A 300 4.07 -31.04 24.12
C ARG A 300 2.66 -31.05 23.53
N GLN A 301 1.63 -31.09 24.38
CA GLN A 301 0.26 -31.06 23.89
C GLN A 301 -0.24 -29.63 23.75
N LEU A 302 -0.88 -29.35 22.62
CA LEU A 302 -1.51 -28.05 22.38
C LEU A 302 -2.87 -28.27 21.74
N ASP A 303 -3.86 -27.49 22.17
CA ASP A 303 -5.11 -27.47 21.42
C ASP A 303 -4.94 -26.61 20.16
N LEU A 304 -6.00 -26.51 19.37
CA LEU A 304 -5.89 -25.83 18.08
C LEU A 304 -5.54 -24.35 18.27
N THR A 305 -6.11 -23.72 19.30
CA THR A 305 -5.79 -22.32 19.58
C THR A 305 -4.33 -22.16 20.02
N GLY A 306 -3.84 -23.10 20.83
CA GLY A 306 -2.44 -23.03 21.24
C GLY A 306 -1.47 -23.26 20.11
N ILE A 307 -1.89 -23.98 19.07
CA ILE A 307 -1.04 -24.13 17.89
C ILE A 307 -0.83 -22.78 17.23
N LEU A 308 -1.87 -21.94 17.21
CA LEU A 308 -1.72 -20.59 16.68
C LEU A 308 -0.95 -19.68 17.65
N ILE A 309 -1.25 -19.78 18.95
CA ILE A 309 -0.56 -18.94 19.93
C ILE A 309 0.93 -19.22 19.91
N LYS A 310 1.31 -20.49 20.11
CA LYS A 310 2.72 -20.87 20.01
C LYS A 310 3.26 -20.82 18.59
N SER A 311 2.39 -20.71 17.58
CA SER A 311 2.81 -20.62 16.18
C SER A 311 3.64 -21.84 15.77
N SER A 312 3.18 -23.02 16.17
CA SER A 312 3.94 -24.26 15.99
C SER A 312 3.89 -24.72 14.53
N ASN A 313 5.05 -24.81 13.89
CA ASN A 313 5.10 -25.38 12.54
C ASN A 313 4.82 -26.87 12.57
N VAL A 314 5.30 -27.56 13.62
CA VAL A 314 5.02 -29.00 13.74
C VAL A 314 3.52 -29.22 13.88
N GLY A 315 2.86 -28.45 14.74
CA GLY A 315 1.45 -28.66 14.98
C GLY A 315 0.60 -28.42 13.74
N ILE A 316 0.87 -27.33 13.03
CA ILE A 316 0.12 -27.04 11.82
C ILE A 316 0.45 -28.02 10.71
N SER A 317 1.65 -28.62 10.74
CA SER A 317 2.01 -29.63 9.75
C SER A 317 1.26 -30.92 9.97
N LYS A 318 1.14 -31.37 11.22
CA LYS A 318 0.42 -32.61 11.49
C LYS A 318 -1.05 -32.46 11.11
N ILE A 319 -1.62 -31.28 11.31
CA ILE A 319 -2.99 -31.03 10.87
C ILE A 319 -3.08 -31.10 9.36
N ALA A 320 -2.13 -30.49 8.66
CA ALA A 320 -2.14 -30.50 7.20
C ALA A 320 -2.01 -31.90 6.65
N PHE A 321 -1.18 -32.74 7.29
CA PHE A 321 -1.02 -34.12 6.83
C PHE A 321 -2.35 -34.85 6.87
N ASP A 322 -3.17 -34.58 7.89
CA ASP A 322 -4.44 -35.28 8.02
C ASP A 322 -5.47 -34.80 7.00
N ILE A 323 -5.59 -33.49 6.80
CA ILE A 323 -6.63 -32.97 5.92
C ILE A 323 -6.21 -32.87 4.46
N GLY A 324 -4.91 -32.88 4.17
CA GLY A 324 -4.45 -32.82 2.80
C GLY A 324 -4.19 -31.40 2.33
N ALA A 325 -3.18 -31.19 1.47
CA ALA A 325 -2.87 -29.82 1.07
C ALA A 325 -3.90 -29.21 0.13
N GLU A 326 -4.69 -30.04 -0.55
CA GLU A 326 -5.71 -29.51 -1.47
C GLU A 326 -6.70 -28.61 -0.74
N SER A 327 -7.16 -29.04 0.44
CA SER A 327 -8.11 -28.22 1.19
C SER A 327 -7.48 -26.92 1.67
N ILE A 328 -6.18 -26.94 1.95
CA ILE A 328 -5.48 -25.71 2.33
C ILE A 328 -5.26 -24.82 1.11
N TYR A 329 -4.81 -25.42 0.00
CA TYR A 329 -4.63 -24.66 -1.23
C TYR A 329 -5.92 -23.98 -1.67
N SER A 330 -7.05 -24.70 -1.55
CA SER A 330 -8.32 -24.15 -1.99
C SER A 330 -8.67 -22.89 -1.21
N VAL A 331 -8.46 -22.90 0.11
CA VAL A 331 -8.77 -21.74 0.94
C VAL A 331 -7.87 -20.56 0.57
N MET A 332 -6.56 -20.80 0.51
CA MET A 332 -5.63 -19.73 0.18
C MET A 332 -5.90 -19.17 -1.21
N GLN A 333 -6.27 -20.03 -2.15
CA GLN A 333 -6.58 -19.55 -3.49
C GLN A 333 -7.87 -18.75 -3.51
N GLN A 334 -8.85 -19.15 -2.69
CA GLN A 334 -10.14 -18.45 -2.66
C GLN A 334 -10.05 -17.10 -1.97
N VAL A 335 -9.15 -16.95 -0.99
CA VAL A 335 -8.98 -15.65 -0.33
C VAL A 335 -8.02 -14.74 -1.08
N GLY A 336 -7.50 -15.17 -2.24
CA GLY A 336 -6.76 -14.29 -3.12
C GLY A 336 -5.24 -14.42 -3.08
N LEU A 337 -4.70 -15.28 -2.22
CA LEU A 337 -3.25 -15.40 -2.12
C LEU A 337 -2.66 -15.91 -3.43
N GLY A 338 -1.67 -15.20 -3.94
CA GLY A 338 -1.11 -15.52 -5.24
C GLY A 338 -2.02 -15.26 -6.42
N GLN A 339 -3.10 -14.51 -6.24
CA GLN A 339 -4.07 -14.26 -7.30
C GLN A 339 -4.04 -12.78 -7.68
N ASP A 340 -4.38 -12.51 -8.93
CA ASP A 340 -4.45 -11.13 -9.40
C ASP A 340 -5.51 -10.37 -8.61
N THR A 341 -5.17 -9.15 -8.19
CA THR A 341 -6.09 -8.35 -7.38
C THR A 341 -7.17 -7.67 -8.21
N GLY A 342 -6.92 -7.45 -9.50
CA GLY A 342 -7.87 -6.74 -10.33
C GLY A 342 -7.86 -5.25 -10.19
N LEU A 343 -6.83 -4.67 -9.56
CA LEU A 343 -6.75 -3.24 -9.37
C LEU A 343 -6.15 -2.50 -10.56
N GLY A 344 -5.47 -3.21 -11.46
CA GLY A 344 -4.91 -2.56 -12.63
C GLY A 344 -3.75 -1.64 -12.36
N PHE A 345 -3.11 -1.77 -11.19
CA PHE A 345 -1.97 -0.93 -10.88
C PHE A 345 -0.74 -1.37 -11.68
N PRO A 346 0.11 -0.42 -12.06
CA PRO A 346 1.31 -0.78 -12.82
C PRO A 346 2.32 -1.50 -11.95
N GLY A 347 2.93 -2.54 -12.51
CA GLY A 347 3.94 -3.30 -11.81
C GLY A 347 3.43 -4.26 -10.77
N GLU A 348 2.11 -4.44 -10.66
CA GLU A 348 1.53 -5.34 -9.68
C GLU A 348 2.03 -6.76 -9.85
N ARG A 349 2.76 -7.27 -8.86
N ARG A 349 2.76 -7.27 -8.88
CA ARG A 349 3.21 -8.65 -8.86
CA ARG A 349 3.22 -8.65 -8.90
C ARG A 349 2.13 -9.52 -8.24
C ARG A 349 2.18 -9.54 -8.23
N VAL A 350 1.80 -10.62 -8.92
CA VAL A 350 0.72 -11.48 -8.44
C VAL A 350 1.23 -12.40 -7.33
N GLY A 351 2.52 -12.69 -7.30
CA GLY A 351 3.04 -13.66 -6.36
C GLY A 351 3.06 -15.06 -6.96
N ASN A 352 2.88 -16.08 -6.13
CA ASN A 352 2.85 -17.45 -6.64
C ASN A 352 2.29 -18.37 -5.57
N LEU A 353 1.11 -18.95 -5.84
CA LEU A 353 0.56 -20.01 -5.01
C LEU A 353 0.73 -21.32 -5.76
N PRO A 354 1.76 -22.12 -5.46
CA PRO A 354 2.02 -23.34 -6.24
C PRO A 354 0.88 -24.34 -6.08
N ASN A 355 0.63 -25.08 -7.15
CA ASN A 355 -0.39 -26.13 -7.14
C ASN A 355 0.23 -27.44 -7.61
N HIS A 356 -0.29 -28.54 -7.07
CA HIS A 356 0.22 -29.86 -7.35
C HIS A 356 -0.94 -30.84 -7.47
N ARG A 357 -0.82 -31.76 -8.43
CA ARG A 357 -1.75 -32.89 -8.49
C ARG A 357 -1.50 -33.84 -7.32
N LYS A 358 -0.25 -34.00 -6.91
N LYS A 358 -0.25 -34.09 -6.98
CA LYS A 358 0.14 -34.90 -5.83
CA LYS A 358 0.11 -34.89 -5.81
C LYS A 358 1.05 -34.14 -4.88
C LYS A 358 1.00 -34.06 -4.91
N TRP A 359 0.60 -33.91 -3.66
CA TRP A 359 1.34 -33.12 -2.69
C TRP A 359 2.16 -34.04 -1.79
N PRO A 360 3.48 -34.04 -1.86
CA PRO A 360 4.28 -34.74 -0.85
C PRO A 360 4.16 -34.06 0.51
N LYS A 361 4.68 -34.73 1.54
CA LYS A 361 4.59 -34.20 2.89
C LYS A 361 5.35 -32.89 3.03
N ALA A 362 6.50 -32.78 2.37
CA ALA A 362 7.30 -31.55 2.47
C ALA A 362 6.56 -30.35 1.91
N GLU A 363 6.02 -30.47 0.70
CA GLU A 363 5.26 -29.37 0.13
C GLU A 363 3.96 -29.12 0.88
N THR A 364 3.36 -30.16 1.46
CA THR A 364 2.18 -29.95 2.28
C THR A 364 2.52 -29.13 3.51
N ALA A 365 3.62 -29.46 4.19
CA ALA A 365 3.99 -28.76 5.42
C ALA A 365 4.38 -27.31 5.13
N THR A 366 5.31 -27.10 4.19
CA THR A 366 5.76 -25.74 3.89
C THR A 366 4.63 -24.83 3.44
N LEU A 367 3.62 -25.39 2.75
CA LEU A 367 2.44 -24.59 2.44
C LEU A 367 1.66 -24.27 3.70
N ALA A 368 1.55 -25.24 4.60
CA ALA A 368 0.69 -25.09 5.77
C ALA A 368 1.23 -24.00 6.71
N TYR A 369 2.55 -23.90 6.85
CA TYR A 369 3.12 -22.88 7.71
C TYR A 369 3.73 -21.71 6.93
N GLY A 370 3.35 -21.55 5.68
CA GLY A 370 3.51 -20.28 4.99
C GLY A 370 4.82 -20.05 4.27
N TYR A 371 5.64 -21.08 4.07
CA TYR A 371 6.88 -20.91 3.33
C TYR A 371 6.81 -21.54 1.95
N GLY A 372 5.66 -22.10 1.58
CA GLY A 372 5.50 -22.71 0.27
C GLY A 372 4.76 -21.82 -0.72
N LEU A 373 4.74 -20.52 -0.46
CA LEU A 373 4.06 -19.58 -1.35
C LEU A 373 4.65 -18.19 -1.13
N SER A 374 4.24 -17.27 -2.00
CA SER A 374 4.70 -15.89 -1.93
C SER A 374 3.54 -14.97 -2.28
N VAL A 375 3.42 -13.88 -1.51
CA VAL A 375 2.28 -12.98 -1.59
C VAL A 375 2.77 -11.54 -1.47
N THR A 376 1.86 -10.61 -1.69
CA THR A 376 2.11 -9.21 -1.43
C THR A 376 1.36 -8.78 -0.18
N ALA A 377 1.78 -7.65 0.39
CA ALA A 377 1.08 -7.14 1.57
C ALA A 377 -0.37 -6.82 1.26
N ILE A 378 -0.66 -6.41 0.03
CA ILE A 378 -2.04 -6.15 -0.36
C ILE A 378 -2.84 -7.45 -0.36
N GLN A 379 -2.29 -8.51 -0.95
CA GLN A 379 -3.00 -9.79 -0.96
C GLN A 379 -3.24 -10.30 0.46
N LEU A 380 -2.24 -10.16 1.34
CA LEU A 380 -2.40 -10.63 2.72
C LEU A 380 -3.48 -9.85 3.47
N ALA A 381 -3.52 -8.53 3.27
CA ALA A 381 -4.60 -7.74 3.85
C ALA A 381 -5.95 -8.17 3.30
N HIS A 382 -6.03 -8.35 1.98
CA HIS A 382 -7.29 -8.80 1.36
C HIS A 382 -7.76 -10.11 1.96
N ALA A 383 -6.83 -11.05 2.18
CA ALA A 383 -7.22 -12.34 2.74
C ALA A 383 -7.68 -12.22 4.17
N TYR A 384 -7.03 -11.37 4.97
CA TYR A 384 -7.45 -11.15 6.35
C TYR A 384 -8.79 -10.42 6.42
N ALA A 385 -9.04 -9.50 5.48
CA ALA A 385 -10.34 -8.85 5.42
C ALA A 385 -11.46 -9.85 5.20
N ALA A 386 -11.22 -10.87 4.37
CA ALA A 386 -12.23 -11.90 4.14
C ALA A 386 -12.55 -12.63 5.44
N LEU A 387 -11.50 -13.07 6.14
CA LEU A 387 -11.69 -13.74 7.41
C LEU A 387 -12.45 -12.86 8.40
N ALA A 388 -12.08 -11.58 8.47
CA ALA A 388 -12.74 -10.64 9.37
C ALA A 388 -14.16 -10.34 8.92
N ASN A 389 -14.43 -10.33 7.61
CA ASN A 389 -15.77 -10.05 7.11
C ASN A 389 -16.64 -11.30 7.25
N ASP A 390 -16.46 -12.02 8.37
CA ASP A 390 -17.17 -13.27 8.64
C ASP A 390 -17.09 -14.23 7.46
N GLY A 391 -15.92 -14.26 6.83
CA GLY A 391 -15.63 -15.23 5.79
C GLY A 391 -16.02 -14.84 4.39
N LYS A 392 -16.59 -13.65 4.20
CA LYS A 392 -17.04 -13.21 2.88
C LYS A 392 -15.96 -12.33 2.25
N SER A 393 -15.51 -12.71 1.07
CA SER A 393 -14.48 -11.96 0.36
C SER A 393 -15.14 -10.94 -0.57
N VAL A 394 -14.62 -9.71 -0.54
CA VAL A 394 -15.12 -8.62 -1.37
C VAL A 394 -13.96 -8.11 -2.23
N PRO A 395 -14.18 -7.82 -3.52
CA PRO A 395 -13.07 -7.40 -4.38
C PRO A 395 -12.40 -6.13 -3.87
N LEU A 396 -11.08 -6.08 -3.99
CA LEU A 396 -10.33 -4.89 -3.60
C LEU A 396 -10.77 -3.69 -4.42
N SER A 397 -10.62 -2.51 -3.83
CA SER A 397 -10.95 -1.28 -4.55
C SER A 397 -10.06 -0.15 -4.10
N MET A 398 -9.47 0.56 -5.07
CA MET A 398 -8.74 1.80 -4.82
C MET A 398 -9.60 3.03 -4.92
N THR A 399 -10.84 2.91 -5.40
CA THR A 399 -11.77 4.01 -5.49
C THR A 399 -12.86 3.84 -4.44
N ARG A 400 -13.56 4.93 -4.15
CA ARG A 400 -14.61 4.89 -3.14
C ARG A 400 -15.73 3.95 -3.59
N VAL A 401 -16.19 3.11 -2.67
CA VAL A 401 -17.23 2.12 -2.94
C VAL A 401 -18.56 2.66 -2.40
N ASP A 402 -19.47 3.01 -3.30
CA ASP A 402 -20.82 3.43 -2.95
C ASP A 402 -21.75 2.24 -2.76
N ARG A 403 -21.87 1.39 -3.78
CA ARG A 403 -22.67 0.17 -3.73
C ARG A 403 -21.72 -1.00 -3.47
N VAL A 404 -21.88 -1.66 -2.34
CA VAL A 404 -20.95 -2.74 -1.99
C VAL A 404 -21.25 -3.96 -2.85
N PRO A 405 -20.26 -4.53 -3.52
CA PRO A 405 -20.52 -5.69 -4.38
C PRO A 405 -20.91 -6.91 -3.57
N ASP A 406 -21.58 -7.84 -4.24
CA ASP A 406 -21.85 -9.14 -3.63
C ASP A 406 -20.53 -9.85 -3.37
N GLY A 407 -20.36 -10.31 -2.15
CA GLY A 407 -19.15 -11.04 -1.82
C GLY A 407 -19.26 -12.49 -2.24
N VAL A 408 -18.15 -13.20 -2.07
CA VAL A 408 -18.12 -14.66 -2.16
C VAL A 408 -17.87 -15.19 -0.76
N GLN A 409 -18.77 -16.05 -0.29
CA GLN A 409 -18.57 -16.70 1.00
C GLN A 409 -17.50 -17.77 0.85
N VAL A 410 -16.25 -17.39 1.13
CA VAL A 410 -15.11 -18.30 0.97
C VAL A 410 -14.99 -19.23 2.17
N ILE A 411 -15.01 -18.66 3.37
CA ILE A 411 -15.00 -19.41 4.61
C ILE A 411 -16.39 -19.28 5.24
N SER A 412 -16.88 -20.37 5.82
CA SER A 412 -18.21 -20.34 6.42
C SER A 412 -18.25 -19.34 7.57
N PRO A 413 -19.42 -18.74 7.83
CA PRO A 413 -19.52 -17.85 8.99
C PRO A 413 -19.17 -18.52 10.30
N GLU A 414 -19.45 -19.82 10.43
CA GLU A 414 -19.13 -20.52 11.67
C GLU A 414 -17.63 -20.74 11.83
N VAL A 415 -16.96 -21.14 10.74
CA VAL A 415 -15.51 -21.32 10.80
C VAL A 415 -14.81 -19.99 10.96
N ALA A 416 -15.29 -18.96 10.25
CA ALA A 416 -14.69 -17.64 10.38
C ALA A 416 -14.81 -17.13 11.81
N SER A 417 -15.97 -17.31 12.43
CA SER A 417 -16.14 -16.90 13.82
C SER A 417 -15.19 -17.64 14.74
N THR A 418 -14.97 -18.93 14.50
CA THR A 418 -14.08 -19.71 15.35
C THR A 418 -12.64 -19.23 15.20
N VAL A 419 -12.19 -19.02 13.97
CA VAL A 419 -10.82 -18.55 13.75
C VAL A 419 -10.66 -17.13 14.30
N GLN A 420 -11.67 -16.29 14.15
CA GLN A 420 -11.62 -14.96 14.73
C GLN A 420 -11.34 -15.02 16.23
N GLY A 421 -12.08 -15.86 16.94
CA GLY A 421 -11.83 -16.04 18.37
C GLY A 421 -10.45 -16.57 18.66
N MET A 422 -9.90 -17.37 17.75
CA MET A 422 -8.54 -17.86 17.95
C MET A 422 -7.52 -16.75 17.80
N LEU A 423 -7.68 -15.91 16.77
CA LEU A 423 -6.73 -14.82 16.57
C LEU A 423 -6.83 -13.80 17.70
N GLN A 424 -8.03 -13.58 18.24
CA GLN A 424 -8.16 -12.76 19.44
C GLN A 424 -7.34 -13.36 20.59
N GLN A 425 -7.32 -14.69 20.69
CA GLN A 425 -6.51 -15.32 21.72
C GLN A 425 -5.02 -15.17 21.44
N VAL A 426 -4.62 -15.13 20.16
CA VAL A 426 -3.21 -14.90 19.82
C VAL A 426 -2.74 -13.56 20.39
N VAL A 427 -3.63 -12.58 20.44
CA VAL A 427 -3.24 -11.25 20.90
C VAL A 427 -3.43 -11.09 22.41
N GLU A 428 -4.42 -11.76 23.00
CA GLU A 428 -4.79 -11.49 24.39
C GLU A 428 -4.39 -12.59 25.37
N ALA A 429 -4.21 -13.83 24.93
CA ALA A 429 -4.01 -14.92 25.86
C ALA A 429 -2.59 -14.92 26.41
N GLN A 430 -2.36 -15.80 27.38
CA GLN A 430 -1.05 -15.96 27.99
C GLN A 430 -0.01 -16.34 26.94
N GLY A 431 1.16 -15.68 27.00
CA GLY A 431 2.19 -15.90 26.01
C GLY A 431 1.86 -15.41 24.62
N GLY A 432 0.77 -14.66 24.45
CA GLY A 432 0.38 -14.16 23.16
C GLY A 432 1.06 -12.85 22.81
N VAL A 433 0.71 -12.33 21.63
CA VAL A 433 1.28 -11.08 21.14
C VAL A 433 0.62 -9.91 21.85
N PHE A 434 1.14 -9.54 23.02
CA PHE A 434 0.50 -8.49 23.81
C PHE A 434 0.79 -7.09 23.29
N ARG A 435 1.89 -6.88 22.58
CA ARG A 435 2.18 -5.57 22.02
C ARG A 435 1.14 -5.12 21.01
N ALA A 436 0.36 -6.05 20.46
CA ALA A 436 -0.63 -5.72 19.46
C ALA A 436 -1.99 -5.36 20.05
N GLN A 437 -2.18 -5.51 21.36
CA GLN A 437 -3.47 -5.19 21.96
C GLN A 437 -3.77 -3.71 21.80
N VAL A 438 -4.99 -3.40 21.41
CA VAL A 438 -5.45 -2.03 21.22
C VAL A 438 -6.17 -1.59 22.49
N PRO A 439 -5.82 -0.45 23.08
CA PRO A 439 -6.51 -0.01 24.30
C PRO A 439 -7.99 0.24 24.04
N GLY A 440 -8.83 -0.40 24.86
CA GLY A 440 -10.27 -0.24 24.77
C GLY A 440 -10.95 -1.10 23.74
N TYR A 441 -10.21 -1.94 23.02
CA TYR A 441 -10.77 -2.80 21.99
C TYR A 441 -10.21 -4.21 22.14
N HIS A 442 -10.95 -5.17 21.59
CA HIS A 442 -10.47 -6.53 21.42
C HIS A 442 -9.88 -6.64 20.01
N ALA A 443 -8.57 -6.76 19.92
CA ALA A 443 -7.89 -6.93 18.65
C ALA A 443 -7.59 -8.40 18.41
N ALA A 444 -7.39 -8.74 17.15
CA ALA A 444 -7.08 -10.11 16.74
C ALA A 444 -6.08 -10.06 15.60
N GLY A 445 -5.13 -10.98 15.58
CA GLY A 445 -4.15 -11.00 14.52
C GLY A 445 -3.11 -12.07 14.73
N LYS A 446 -2.18 -12.14 13.78
CA LYS A 446 -1.13 -13.15 13.78
C LYS A 446 0.17 -12.51 13.33
N SER A 447 1.25 -12.83 14.04
CA SER A 447 2.58 -12.32 13.71
C SER A 447 3.34 -13.34 12.87
N GLY A 448 4.27 -12.85 12.07
CA GLY A 448 5.06 -13.73 11.22
C GLY A 448 6.43 -13.15 10.97
N THR A 449 7.27 -13.97 10.34
CA THR A 449 8.62 -13.59 9.95
C THR A 449 8.77 -13.97 8.48
N ALA A 450 8.61 -12.98 7.60
CA ALA A 450 8.65 -13.23 6.17
C ALA A 450 10.08 -13.49 5.70
N ARG A 451 10.18 -14.09 4.52
CA ARG A 451 11.47 -14.40 3.92
C ARG A 451 11.34 -14.24 2.42
N LYS A 452 12.18 -13.39 1.84
CA LYS A 452 12.20 -13.17 0.38
C LYS A 452 13.34 -14.01 -0.19
N VAL A 453 12.99 -15.16 -0.75
CA VAL A 453 13.97 -16.07 -1.33
C VAL A 453 14.22 -15.74 -2.79
N GLU A 462 20.31 -15.93 -1.63
CA GLU A 462 20.23 -14.86 -0.64
C GLU A 462 18.79 -14.62 -0.21
N ASN A 463 18.59 -14.42 1.10
CA ASN A 463 17.26 -14.27 1.67
C ASN A 463 17.20 -12.98 2.47
N ALA A 464 15.96 -12.49 2.68
CA ALA A 464 15.73 -11.20 3.31
C ALA A 464 14.73 -11.34 4.45
N TYR A 465 15.05 -10.71 5.59
CA TYR A 465 14.24 -10.78 6.80
C TYR A 465 13.21 -9.65 6.77
N ARG A 466 11.93 -10.01 6.88
CA ARG A 466 10.84 -9.05 7.03
C ARG A 466 10.00 -9.43 8.25
N SER A 467 9.56 -8.43 9.00
CA SER A 467 8.69 -8.63 10.14
C SER A 467 7.24 -8.34 9.74
N LEU A 468 6.34 -9.25 10.05
CA LEU A 468 4.95 -9.18 9.61
C LEU A 468 4.00 -9.18 10.79
N PHE A 469 2.93 -8.41 10.67
CA PHE A 469 1.77 -8.60 11.52
C PHE A 469 0.51 -8.30 10.72
N ALA A 470 -0.44 -9.23 10.72
CA ALA A 470 -1.70 -9.06 10.03
C ALA A 470 -2.82 -9.27 11.04
N GLY A 471 -3.79 -8.36 11.04
CA GLY A 471 -4.85 -8.43 12.04
C GLY A 471 -6.07 -7.66 11.63
N PHE A 472 -7.04 -7.63 12.54
CA PHE A 472 -8.28 -6.91 12.34
C PHE A 472 -8.87 -6.55 13.70
N ALA A 473 -9.80 -5.60 13.69
CA ALA A 473 -10.42 -5.15 14.93
C ALA A 473 -11.74 -4.48 14.60
N PRO A 474 -12.71 -4.48 15.53
CA PRO A 474 -12.67 -5.20 16.80
C PRO A 474 -12.93 -6.70 16.59
N ALA A 475 -12.31 -7.54 17.42
CA ALA A 475 -12.40 -8.98 17.20
C ALA A 475 -13.84 -9.48 17.23
N THR A 476 -14.69 -8.85 18.04
CA THR A 476 -16.05 -9.32 18.20
C THR A 476 -17.00 -8.79 17.13
N ASP A 477 -16.54 -7.85 16.30
CA ASP A 477 -17.34 -7.32 15.20
C ASP A 477 -16.44 -6.59 14.22
N PRO A 478 -15.64 -7.32 13.42
CA PRO A 478 -14.52 -6.69 12.72
C PRO A 478 -14.95 -5.63 11.73
N ARG A 479 -14.20 -4.53 11.72
CA ARG A 479 -14.42 -3.42 10.81
C ARG A 479 -13.21 -3.13 9.93
N ILE A 480 -12.01 -3.20 10.52
CA ILE A 480 -10.78 -2.79 9.86
C ILE A 480 -9.82 -3.98 9.87
N ALA A 481 -9.13 -4.18 8.75
CA ALA A 481 -8.03 -5.14 8.64
C ALA A 481 -6.75 -4.40 8.30
N MET A 482 -5.63 -4.87 8.84
CA MET A 482 -4.37 -4.16 8.67
C MET A 482 -3.23 -5.15 8.53
N VAL A 483 -2.26 -4.80 7.70
CA VAL A 483 -1.04 -5.57 7.54
C VAL A 483 0.15 -4.62 7.65
N VAL A 484 1.09 -4.96 8.52
CA VAL A 484 2.30 -4.17 8.75
C VAL A 484 3.49 -5.01 8.34
N VAL A 485 4.30 -4.49 7.42
CA VAL A 485 5.52 -5.14 6.97
C VAL A 485 6.69 -4.24 7.29
N ILE A 486 7.72 -4.81 7.91
CA ILE A 486 8.92 -4.06 8.25
C ILE A 486 10.13 -4.81 7.68
N ASP A 487 10.87 -4.16 6.79
CA ASP A 487 12.00 -4.78 6.11
C ASP A 487 13.23 -4.68 6.99
N GLU A 488 13.63 -5.81 7.59
CA GLU A 488 14.85 -5.93 8.40
C GLU A 488 14.81 -4.94 9.56
N PRO A 489 14.21 -5.33 10.70
CA PRO A 489 14.00 -4.36 11.79
C PRO A 489 15.28 -3.69 12.28
N SER A 490 16.19 -4.47 12.85
CA SER A 490 17.49 -3.97 13.27
C SER A 490 18.47 -3.97 12.09
N LYS A 491 18.67 -5.13 11.48
CA LYS A 491 19.50 -5.26 10.31
C LYS A 491 19.05 -6.48 9.52
N ALA A 492 19.70 -6.70 8.37
CA ALA A 492 19.43 -7.89 7.56
C ALA A 492 19.87 -9.13 8.32
N GLY A 493 18.92 -9.96 8.73
CA GLY A 493 19.21 -11.12 9.54
C GLY A 493 19.54 -10.72 10.97
N TYR A 494 18.59 -10.08 11.63
CA TYR A 494 18.82 -9.57 12.96
C TYR A 494 18.09 -10.43 13.99
N PHE A 495 17.80 -9.87 15.16
CA PHE A 495 17.06 -10.59 16.18
C PHE A 495 15.96 -9.72 16.77
N GLY A 496 15.43 -8.79 15.97
CA GLY A 496 14.37 -7.92 16.46
C GLY A 496 13.10 -8.68 16.79
N GLY A 497 12.60 -9.45 15.83
CA GLY A 497 11.43 -10.28 16.06
C GLY A 497 10.10 -9.55 15.90
N LEU A 498 9.39 -9.35 17.02
CA LEU A 498 8.07 -8.74 16.99
C LEU A 498 8.20 -7.23 17.02
N VAL A 499 8.38 -6.64 15.83
CA VAL A 499 8.47 -5.20 15.68
C VAL A 499 7.22 -4.60 15.03
N SER A 500 6.47 -5.37 14.25
CA SER A 500 5.30 -4.84 13.58
C SER A 500 4.08 -4.74 14.49
N ALA A 501 4.03 -5.56 15.54
CA ALA A 501 2.86 -5.56 16.42
C ALA A 501 2.60 -4.21 17.09
N PRO A 502 3.60 -3.51 17.65
CA PRO A 502 3.30 -2.18 18.22
C PRO A 502 2.77 -1.20 17.20
N VAL A 503 3.18 -1.31 15.94
CA VAL A 503 2.66 -0.42 14.90
C VAL A 503 1.20 -0.73 14.64
N PHE A 504 0.86 -2.01 14.56
CA PHE A 504 -0.55 -2.41 14.47
C PHE A 504 -1.35 -1.80 15.60
N SER A 505 -0.81 -1.83 16.82
CA SER A 505 -1.57 -1.34 17.97
C SER A 505 -1.85 0.15 17.85
N LYS A 506 -0.82 0.96 17.55
CA LYS A 506 -1.01 2.41 17.51
C LYS A 506 -1.88 2.82 16.32
N VAL A 507 -1.68 2.20 15.16
CA VAL A 507 -2.42 2.62 13.98
C VAL A 507 -3.88 2.15 14.05
N MET A 508 -4.10 0.91 14.48
CA MET A 508 -5.47 0.43 14.63
C MET A 508 -6.25 1.26 15.64
N ALA A 509 -5.60 1.62 16.77
CA ALA A 509 -6.26 2.46 17.76
C ALA A 509 -6.69 3.79 17.15
N GLY A 510 -5.83 4.39 16.33
CA GLY A 510 -6.18 5.65 15.71
C GLY A 510 -7.23 5.51 14.63
N ALA A 511 -7.15 4.43 13.84
CA ALA A 511 -8.12 4.24 12.76
C ALA A 511 -9.50 3.96 13.30
N LEU A 512 -9.60 3.18 14.38
CA LEU A 512 -10.91 2.94 15.00
C LEU A 512 -11.50 4.24 15.53
N ARG A 513 -10.67 5.08 16.14
CA ARG A 513 -11.14 6.38 16.64
C ARG A 513 -11.61 7.27 15.50
N LEU A 514 -10.80 7.38 14.43
CA LEU A 514 -11.14 8.23 13.30
C LEU A 514 -12.44 7.77 12.63
N MET A 515 -12.77 6.48 12.73
CA MET A 515 -13.99 5.95 12.14
C MET A 515 -15.10 5.77 13.16
N ASN A 516 -14.88 6.20 14.41
N ASN A 516 -14.88 6.22 14.40
CA ASN A 516 -15.90 6.21 15.45
CA ASN A 516 -15.89 6.22 15.46
C ASN A 516 -16.47 4.82 15.70
C ASN A 516 -16.48 4.81 15.67
N VAL A 517 -15.60 3.82 15.72
CA VAL A 517 -16.03 2.46 16.01
C VAL A 517 -16.22 2.30 17.51
N PRO A 518 -17.36 1.78 17.97
CA PRO A 518 -17.61 1.69 19.42
C PRO A 518 -16.65 0.71 20.08
N PRO A 519 -16.05 1.11 21.20
CA PRO A 519 -15.15 0.19 21.93
C PRO A 519 -15.91 -1.00 22.50
N ASP A 520 -15.33 -2.18 22.32
CA ASP A 520 -15.94 -3.42 22.80
C ASP A 520 -15.12 -4.09 23.91
N ASN A 521 -14.07 -3.43 24.41
CA ASN A 521 -13.27 -3.94 25.51
C ASN A 521 -13.16 -2.83 26.56
N LEU A 522 -14.27 -2.60 27.27
CA LEU A 522 -14.36 -1.60 28.33
C LEU A 522 -14.33 -2.31 29.67
N PRO A 523 -13.17 -2.43 30.33
CA PRO A 523 -13.08 -3.08 31.64
C PRO A 523 -13.84 -2.34 32.73
C1 GOL B . 4.26 -32.82 -9.25
O1 GOL B . 4.43 -32.28 -7.94
C2 GOL B . 2.80 -33.00 -9.62
O2 GOL B . 2.14 -33.80 -8.64
C3 GOL B . 2.06 -31.70 -9.82
O3 GOL B . 2.57 -30.96 -10.93
C1 GOL C . 11.68 -27.62 3.35
O1 GOL C . 11.38 -28.20 2.08
C2 GOL C . 11.50 -28.62 4.47
O2 GOL C . 11.85 -28.02 5.73
C3 GOL C . 10.12 -29.21 4.55
O3 GOL C . 9.96 -30.04 5.69
C1 GOL D . -15.53 7.05 -8.20
O1 GOL D . -16.35 6.39 -7.24
C2 GOL D . -15.64 8.56 -8.12
O2 GOL D . -14.76 9.17 -9.05
C3 GOL D . -17.05 9.08 -8.30
O3 GOL D . -17.09 10.50 -8.28
C1 GOL E . 7.59 -21.74 -2.83
O1 GOL E . 7.54 -22.89 -3.67
C2 GOL E . 7.61 -20.45 -3.64
O2 GOL E . 6.41 -20.33 -4.40
C3 GOL E . 7.83 -19.22 -2.80
O3 GOL E . 9.05 -19.28 -2.08
C TRS F . 7.15 -17.14 13.42
C1 TRS F . 5.86 -16.36 13.63
C2 TRS F . 7.26 -18.26 14.45
C3 TRS F . 7.22 -17.73 12.01
N TRS F . 8.32 -16.21 13.60
O1 TRS F . 5.76 -15.85 14.95
O2 TRS F . 6.28 -19.27 14.26
O3 TRS F . 7.10 -16.73 11.01
#